data_4WI9
#
_entry.id   4WI9
#
_cell.length_a   49.163
_cell.length_b   77.654
_cell.length_c   140.897
_cell.angle_alpha   90.00
_cell.angle_beta   90.00
_cell.angle_gamma   90.00
#
_symmetry.space_group_name_H-M   'P 21 21 21'
#
loop_
_entity.id
_entity.type
_entity.pdbx_description
1 polymer 'Ig gamma-1 chain C region'
2 branched alpha-L-fucopyranose-(1-6)-2-acetamido-2-deoxy-beta-D-glucopyranose
3 branched 2-acetamido-2-deoxy-beta-D-glucopyranose-(1-2)-alpha-D-mannopyranose-(1-3)-[2-acetamido-2-deoxy-beta-D-glucopyranose-(1-2)-alpha-D-mannopyranose-(1-6)]beta-D-mannopyranose-(1-4)-2-acetamido-2-deoxy-beta-D-glucopyranose
4 branched 2-acetamido-2-deoxy-beta-D-glucopyranose-(1-2)-alpha-D-mannopyranose-(1-3)-[2-acetamido-2-deoxy-beta-D-glucopyranose-(1-2)-alpha-D-mannopyranose-(1-6)]beta-D-mannopyranose-(1-4)-2-acetamido-2-deoxy-beta-D-glucopyranose-(1-4)-[alpha-L-fucopyranose-(1-6)]2-acetamido-2-deoxy-beta-D-glucopyranose
5 water water
#
_entity_poly.entity_id   1
_entity_poly.type   'polypeptide(L)'
_entity_poly.pdbx_seq_one_letter_code
;GPSVFLFPPKPKDTLMASRTPEVTCVVVDVSHEDPEVKFNWYVDGVEVHNAKTKPREEQYNSTYRVVSVLTVLAQDWLNG
KEYKCKVSNKALPAPIEKTISKAKGQPREPQVYTLPPSRDELTKNQVSLTCLVKGFYPSDIAVEWESNGQPENNYKTTPP
VLDSDGSFFLYSKLTVDKSRWQQGNVFSCSVMHEALHNHYTQKSLSLS
;
_entity_poly.pdbx_strand_id   A,B
#
# COMPACT_ATOMS: atom_id res chain seq x y z
N GLY A 1 -25.45 -12.27 9.92
CA GLY A 1 -25.35 -11.37 11.05
C GLY A 1 -24.03 -10.61 11.09
N PRO A 2 -23.22 -10.86 12.14
CA PRO A 2 -21.91 -10.23 12.39
C PRO A 2 -20.81 -10.53 11.36
N SER A 3 -19.65 -9.90 11.55
CA SER A 3 -18.49 -10.03 10.67
C SER A 3 -17.18 -10.03 11.48
N VAL A 4 -16.25 -10.90 11.10
CA VAL A 4 -15.06 -11.13 11.92
C VAL A 4 -13.74 -10.79 11.20
N PHE A 5 -12.76 -10.25 11.95
CA PHE A 5 -11.43 -9.94 11.42
C PHE A 5 -10.31 -10.41 12.36
N LEU A 6 -9.20 -10.90 11.80
CA LEU A 6 -8.14 -11.51 12.58
C LEU A 6 -6.74 -10.97 12.27
N PHE A 7 -6.09 -10.39 13.26
CA PHE A 7 -4.85 -9.64 13.06
C PHE A 7 -3.60 -10.35 13.46
N PRO A 8 -2.56 -10.26 12.62
CA PRO A 8 -1.26 -10.84 12.93
C PRO A 8 -0.59 -10.03 14.02
N PRO A 9 0.40 -10.62 14.66
CA PRO A 9 1.20 -9.88 15.63
C PRO A 9 2.10 -8.96 14.83
N LYS A 10 2.50 -7.87 15.43
CA LYS A 10 3.36 -6.92 14.74
C LYS A 10 4.67 -7.59 14.50
N PRO A 11 5.31 -7.25 13.39
CA PRO A 11 6.61 -7.81 13.05
C PRO A 11 7.64 -7.66 14.17
N LYS A 12 7.69 -6.49 14.82
CA LYS A 12 8.75 -6.23 15.80
C LYS A 12 8.56 -7.17 17.00
N ASP A 13 7.29 -7.48 17.29
CA ASP A 13 6.94 -8.35 18.40
C ASP A 13 7.39 -9.80 18.19
N THR A 14 7.48 -10.23 16.94
CA THR A 14 7.77 -11.64 16.71
C THR A 14 9.27 -11.86 16.55
N LEU A 15 10.05 -10.78 16.61
CA LEU A 15 11.44 -10.87 16.16
C LEU A 15 12.42 -10.32 17.17
N MET A 16 11.91 -9.89 18.30
CA MET A 16 12.78 -9.24 19.27
C MET A 16 12.50 -9.87 20.61
N ALA A 17 13.55 -9.98 21.40
CA ALA A 17 13.57 -10.85 22.55
C ALA A 17 12.38 -10.74 23.51
N SER A 18 12.34 -9.74 24.37
CA SER A 18 11.42 -9.86 25.48
C SER A 18 10.09 -9.17 25.24
N ARG A 19 9.52 -9.40 24.07
CA ARG A 19 8.29 -8.70 23.73
C ARG A 19 7.07 -9.61 23.85
N THR A 20 5.88 -9.02 23.74
CA THR A 20 4.64 -9.77 23.89
C THR A 20 3.82 -9.85 22.58
N PRO A 21 4.24 -10.69 21.62
CA PRO A 21 3.45 -10.86 20.39
C PRO A 21 2.08 -11.50 20.63
N GLU A 22 1.10 -11.12 19.81
CA GLU A 22 -0.27 -11.55 20.03
C GLU A 22 -1.15 -11.35 18.79
N VAL A 23 -1.79 -12.42 18.34
CA VAL A 23 -2.78 -12.31 17.25
C VAL A 23 -4.12 -11.91 17.85
N THR A 24 -4.88 -11.10 17.12
CA THR A 24 -6.05 -10.46 17.71
C THR A 24 -7.34 -10.67 16.93
N CYS A 25 -8.25 -11.43 17.53
CA CYS A 25 -9.55 -11.71 16.90
C CYS A 25 -10.59 -10.64 17.30
N VAL A 26 -11.20 -10.02 16.29
CA VAL A 26 -12.08 -8.87 16.50
C VAL A 26 -13.44 -9.06 15.86
N VAL A 27 -14.50 -8.92 16.65
CA VAL A 27 -15.85 -9.08 16.16
C VAL A 27 -16.54 -7.72 16.06
N VAL A 28 -17.24 -7.49 14.97
CA VAL A 28 -17.99 -6.25 14.77
C VAL A 28 -19.42 -6.56 14.37
N ASP A 29 -20.34 -5.62 14.63
CA ASP A 29 -21.73 -5.73 14.21
C ASP A 29 -22.46 -6.95 14.80
N VAL A 30 -22.41 -7.12 16.12
CA VAL A 30 -23.11 -8.25 16.75
C VAL A 30 -24.61 -7.99 16.85
N SER A 31 -25.29 -8.79 17.67
CA SER A 31 -26.71 -8.59 17.93
C SER A 31 -26.90 -7.69 19.14
N HIS A 32 -27.82 -8.08 20.02
CA HIS A 32 -28.17 -7.27 21.17
C HIS A 32 -28.88 -8.15 22.21
N GLU A 33 -29.85 -8.93 21.75
CA GLU A 33 -30.52 -9.92 22.58
C GLU A 33 -29.67 -11.17 22.61
N ASP A 34 -28.66 -11.19 21.74
CA ASP A 34 -27.66 -12.25 21.72
C ASP A 34 -26.24 -11.65 21.74
N PRO A 35 -25.79 -11.17 22.92
CA PRO A 35 -24.43 -10.63 23.06
C PRO A 35 -23.44 -11.71 23.50
N GLU A 36 -23.95 -12.84 23.97
CA GLU A 36 -23.12 -13.96 24.37
C GLU A 36 -22.32 -14.49 23.18
N VAL A 37 -21.09 -13.99 23.01
CA VAL A 37 -20.21 -14.50 21.95
C VAL A 37 -19.10 -15.39 22.53
N LYS A 38 -18.95 -16.59 21.97
CA LYS A 38 -17.87 -17.47 22.40
C LYS A 38 -16.72 -17.43 21.41
N PHE A 39 -15.51 -17.54 21.94
CA PHE A 39 -14.33 -17.65 21.11
C PHE A 39 -13.70 -19.03 21.35
N ASN A 40 -13.04 -19.57 20.33
CA ASN A 40 -12.32 -20.84 20.48
C ASN A 40 -11.00 -20.79 19.75
N TRP A 41 -9.91 -20.92 20.50
CA TRP A 41 -8.59 -20.70 19.94
C TRP A 41 -7.86 -22.00 19.66
N TYR A 42 -7.41 -22.16 18.42
CA TYR A 42 -6.72 -23.37 18.04
C TYR A 42 -5.35 -23.05 17.45
N VAL A 43 -4.34 -23.74 17.96
CA VAL A 43 -3.01 -23.64 17.36
C VAL A 43 -2.74 -24.90 16.55
N ASP A 44 -2.67 -24.73 15.24
CA ASP A 44 -2.47 -25.83 14.30
C ASP A 44 -3.50 -26.94 14.49
N GLY A 45 -4.72 -26.57 14.87
CA GLY A 45 -5.80 -27.54 15.02
C GLY A 45 -5.94 -28.05 16.43
N VAL A 46 -5.00 -27.65 17.30
CA VAL A 46 -5.04 -28.02 18.71
C VAL A 46 -5.55 -26.84 19.51
N GLU A 47 -6.64 -27.05 20.24
CA GLU A 47 -7.23 -25.94 21.00
C GLU A 47 -6.40 -25.54 22.22
N VAL A 48 -6.03 -24.26 22.26
CA VAL A 48 -5.36 -23.69 23.42
C VAL A 48 -6.38 -22.83 24.17
N HIS A 49 -6.27 -22.80 25.49
CA HIS A 49 -7.21 -22.05 26.32
C HIS A 49 -6.44 -20.93 27.01
N ASN A 50 -5.23 -20.68 26.55
CA ASN A 50 -4.37 -19.65 27.12
C ASN A 50 -4.67 -18.25 26.57
N ALA A 51 -5.95 -17.97 26.35
CA ALA A 51 -6.39 -16.72 25.73
C ALA A 51 -6.85 -15.74 26.78
N LYS A 52 -7.40 -14.61 26.33
CA LYS A 52 -8.07 -13.67 27.22
C LYS A 52 -8.91 -12.67 26.42
N THR A 53 -10.20 -12.94 26.33
CA THR A 53 -11.11 -12.06 25.58
C THR A 53 -11.61 -10.91 26.45
N LYS A 54 -10.86 -9.80 26.42
CA LYS A 54 -11.21 -8.60 27.16
C LYS A 54 -12.64 -8.19 26.84
N PRO A 55 -13.42 -7.83 27.89
CA PRO A 55 -14.86 -7.59 27.94
C PRO A 55 -15.51 -7.03 26.66
N ARG A 56 -16.81 -7.26 26.55
CA ARG A 56 -17.58 -6.68 25.45
C ARG A 56 -17.48 -5.18 25.56
N GLU A 57 -17.61 -4.49 24.43
CA GLU A 57 -17.54 -3.04 24.41
C GLU A 57 -18.78 -2.49 23.73
N GLU A 58 -19.65 -1.85 24.51
CA GLU A 58 -20.82 -1.20 23.96
C GLU A 58 -20.37 -0.05 23.06
N GLN A 59 -20.68 -0.14 21.76
CA GLN A 59 -20.32 0.92 20.82
C GLN A 59 -21.52 1.83 20.56
N TYR A 60 -21.28 2.97 19.92
CA TYR A 60 -22.37 3.90 19.59
C TYR A 60 -23.20 3.35 18.46
N ASN A 61 -22.71 2.29 17.85
CA ASN A 61 -23.44 1.57 16.81
C ASN A 61 -24.60 0.79 17.38
N SER A 62 -24.69 0.74 18.71
CA SER A 62 -25.56 -0.19 19.45
C SER A 62 -25.11 -1.64 19.25
N THR A 63 -23.87 -1.82 18.77
CA THR A 63 -23.26 -3.12 18.65
C THR A 63 -22.22 -3.32 19.75
N TYR A 64 -22.05 -4.56 20.18
CA TYR A 64 -20.97 -4.92 21.09
C TYR A 64 -19.76 -5.41 20.30
N ARG A 65 -18.77 -4.54 20.13
CA ARG A 65 -17.51 -4.93 19.51
C ARG A 65 -16.64 -5.71 20.50
N VAL A 66 -16.67 -7.03 20.41
CA VAL A 66 -15.89 -7.87 21.30
C VAL A 66 -14.52 -8.16 20.71
N VAL A 67 -13.55 -8.40 21.58
CA VAL A 67 -12.17 -8.54 21.19
C VAL A 67 -11.51 -9.63 22.02
N SER A 68 -10.92 -10.61 21.34
CA SER A 68 -10.11 -11.62 22.01
C SER A 68 -8.67 -11.47 21.55
N VAL A 69 -7.74 -11.90 22.41
CA VAL A 69 -6.31 -11.70 22.14
C VAL A 69 -5.50 -12.88 22.65
N LEU A 70 -4.79 -13.56 21.75
CA LEU A 70 -3.97 -14.67 22.17
C LEU A 70 -2.53 -14.25 22.14
N THR A 71 -1.90 -14.20 23.29
CA THR A 71 -0.46 -14.01 23.33
C THR A 71 0.13 -15.32 22.82
N VAL A 72 0.91 -15.21 21.76
CA VAL A 72 1.46 -16.36 21.06
C VAL A 72 2.96 -16.33 21.27
N LEU A 73 3.64 -17.48 21.14
CA LEU A 73 5.09 -17.50 21.29
C LEU A 73 5.80 -17.14 19.98
N ALA A 74 6.73 -16.20 20.04
CA ALA A 74 7.40 -15.70 18.84
C ALA A 74 8.02 -16.82 18.00
N GLN A 75 8.49 -17.86 18.66
CA GLN A 75 8.99 -19.00 17.92
C GLN A 75 7.85 -19.75 17.26
N ASP A 76 6.65 -19.66 17.84
CA ASP A 76 5.47 -20.29 17.24
C ASP A 76 5.05 -19.53 15.98
N TRP A 77 5.06 -18.20 16.06
CA TRP A 77 4.67 -17.41 14.89
C TRP A 77 5.64 -17.70 13.74
N LEU A 78 6.93 -17.74 14.06
CA LEU A 78 7.98 -17.94 13.07
C LEU A 78 7.96 -19.36 12.51
N ASN A 79 7.83 -20.35 13.38
CA ASN A 79 7.81 -21.71 12.88
C ASN A 79 6.50 -22.05 12.15
N GLY A 80 5.65 -21.03 12.03
CA GLY A 80 4.52 -21.05 11.11
C GLY A 80 3.30 -21.78 11.61
N LYS A 81 2.97 -21.60 12.89
CA LYS A 81 1.78 -22.24 13.43
C LYS A 81 0.55 -21.50 12.89
N GLU A 82 -0.50 -22.23 12.55
CA GLU A 82 -1.76 -21.58 12.17
C GLU A 82 -2.60 -21.26 13.40
N TYR A 83 -2.98 -19.99 13.54
CA TYR A 83 -3.90 -19.57 14.59
C TYR A 83 -5.31 -19.42 14.06
N LYS A 84 -6.19 -20.29 14.53
CA LYS A 84 -7.58 -20.27 14.09
C LYS A 84 -8.50 -19.69 15.16
N CYS A 85 -9.36 -18.76 14.74
CA CYS A 85 -10.31 -18.13 15.65
C CYS A 85 -11.74 -18.57 15.35
N LYS A 86 -12.29 -19.40 16.24
CA LYS A 86 -13.68 -19.84 16.11
C LYS A 86 -14.54 -18.88 16.93
N VAL A 87 -15.56 -18.31 16.29
CA VAL A 87 -16.47 -17.37 16.93
C VAL A 87 -17.90 -17.87 16.86
N SER A 88 -18.52 -18.07 18.02
CA SER A 88 -19.89 -18.56 18.09
C SER A 88 -20.88 -17.46 18.49
N ASN A 89 -22.12 -17.62 18.03
CA ASN A 89 -23.19 -16.65 18.31
C ASN A 89 -24.56 -17.26 18.01
N LYS A 90 -25.64 -16.59 18.42
CA LYS A 90 -26.99 -17.00 18.07
C LYS A 90 -27.38 -16.51 16.68
N ALA A 91 -26.84 -15.36 16.28
CA ALA A 91 -27.09 -14.80 14.95
C ALA A 91 -26.38 -15.62 13.87
N LEU A 92 -25.53 -16.53 14.32
CA LEU A 92 -24.81 -17.43 13.43
C LEU A 92 -25.53 -18.77 13.27
N PRO A 93 -25.94 -19.10 12.03
CA PRO A 93 -26.45 -20.44 11.74
C PRO A 93 -25.32 -21.45 11.87
N ALA A 94 -24.09 -20.96 11.72
CA ALA A 94 -22.88 -21.73 11.93
C ALA A 94 -21.75 -20.75 12.27
N PRO A 95 -20.84 -21.16 13.18
CA PRO A 95 -19.80 -20.25 13.68
C PRO A 95 -18.89 -19.71 12.58
N ILE A 96 -18.04 -18.76 12.93
CA ILE A 96 -17.08 -18.22 11.97
C ILE A 96 -15.68 -18.69 12.30
N GLU A 97 -14.99 -19.23 11.29
CA GLU A 97 -13.62 -19.68 11.43
C GLU A 97 -12.71 -18.87 10.51
N LYS A 98 -11.90 -18.00 11.09
CA LYS A 98 -10.88 -17.29 10.34
C LYS A 98 -9.49 -17.80 10.77
N THR A 99 -8.65 -18.10 9.80
CA THR A 99 -7.33 -18.65 10.10
C THR A 99 -6.23 -17.70 9.63
N ILE A 100 -5.14 -17.62 10.39
CA ILE A 100 -4.03 -16.76 10.02
C ILE A 100 -2.70 -17.43 10.36
N SER A 101 -1.65 -17.08 9.63
CA SER A 101 -0.32 -17.61 9.89
C SER A 101 0.66 -16.77 9.10
N LYS A 102 1.91 -16.71 9.54
CA LYS A 102 2.98 -16.15 8.72
C LYS A 102 2.95 -16.71 7.29
N ALA A 103 3.15 -15.82 6.32
CA ALA A 103 3.34 -16.21 4.92
C ALA A 103 4.22 -17.47 4.82
N LYS A 104 3.78 -18.43 4.01
CA LYS A 104 4.60 -19.61 3.81
C LYS A 104 5.38 -19.41 2.53
N GLY A 105 6.59 -19.94 2.50
CA GLY A 105 7.53 -19.58 1.46
C GLY A 105 8.90 -19.45 2.08
N GLN A 106 9.92 -19.53 1.25
CA GLN A 106 11.28 -19.59 1.74
C GLN A 106 11.76 -18.19 2.06
N PRO A 107 12.17 -17.98 3.32
CA PRO A 107 12.51 -16.62 3.75
C PRO A 107 13.76 -16.12 3.04
N ARG A 108 13.84 -14.81 2.89
CA ARG A 108 14.93 -14.26 2.13
C ARG A 108 15.54 -13.09 2.86
N GLU A 109 16.86 -13.10 2.91
CA GLU A 109 17.59 -12.09 3.65
C GLU A 109 17.52 -10.74 2.92
N PRO A 110 16.97 -9.73 3.59
CA PRO A 110 16.91 -8.42 2.94
C PRO A 110 18.29 -7.84 2.64
N GLN A 111 18.42 -7.14 1.51
CA GLN A 111 19.63 -6.40 1.23
C GLN A 111 19.36 -4.98 1.70
N VAL A 112 20.30 -4.40 2.43
CA VAL A 112 20.07 -3.08 2.97
C VAL A 112 21.11 -2.11 2.41
N TYR A 113 20.63 -1.04 1.76
CA TYR A 113 21.51 -0.07 1.12
C TYR A 113 21.08 1.36 1.43
N THR A 114 22.02 2.17 1.89
CA THR A 114 21.72 3.56 2.24
C THR A 114 22.07 4.48 1.06
N LEU A 115 21.12 5.34 0.70
CA LEU A 115 21.33 6.30 -0.40
C LEU A 115 21.26 7.75 0.10
N PRO A 116 22.32 8.54 -0.15
CA PRO A 116 22.41 9.97 0.21
C PRO A 116 21.46 10.83 -0.62
N PRO A 117 21.31 12.11 -0.26
CA PRO A 117 20.41 12.97 -1.04
C PRO A 117 20.92 13.23 -2.46
N SER A 118 20.02 13.53 -3.37
CA SER A 118 20.42 13.89 -4.74
C SER A 118 21.27 15.17 -4.72
N ARG A 119 22.23 15.27 -5.64
CA ARG A 119 23.02 16.48 -5.76
C ARG A 119 22.12 17.67 -6.04
N ASP A 120 21.00 17.42 -6.71
CA ASP A 120 20.01 18.46 -6.97
C ASP A 120 19.28 18.94 -5.73
N GLU A 121 19.20 18.08 -4.71
CA GLU A 121 18.35 18.39 -3.55
C GLU A 121 19.02 19.37 -2.59
N LEU A 122 20.32 19.58 -2.76
CA LEU A 122 21.08 20.44 -1.87
C LEU A 122 20.64 21.92 -1.90
N THR A 123 19.89 22.30 -2.93
CA THR A 123 19.35 23.66 -3.05
C THR A 123 18.10 23.80 -2.19
N LYS A 124 17.94 22.92 -1.21
CA LYS A 124 16.79 22.93 -0.32
C LYS A 124 17.30 22.95 1.12
N ASN A 125 16.49 23.45 2.03
CA ASN A 125 16.87 23.52 3.45
C ASN A 125 16.92 22.13 4.08
N GLN A 126 15.96 21.30 3.73
CA GLN A 126 15.93 19.91 4.17
C GLN A 126 16.36 18.95 3.04
N VAL A 127 17.08 17.89 3.42
CA VAL A 127 17.51 16.86 2.46
C VAL A 127 16.86 15.48 2.74
N SER A 128 16.98 14.56 1.79
CA SER A 128 16.29 13.28 1.91
C SER A 128 17.33 12.19 1.99
N LEU A 129 17.32 11.43 3.08
CA LEU A 129 18.22 10.28 3.21
C LEU A 129 17.37 9.06 2.89
N THR A 130 17.92 8.15 2.10
CA THR A 130 17.14 7.02 1.61
C THR A 130 17.65 5.66 2.11
N CYS A 131 16.73 4.80 2.55
CA CYS A 131 17.10 3.41 2.85
C CYS A 131 16.37 2.44 1.96
N LEU A 132 17.14 1.68 1.19
CA LEU A 132 16.62 0.69 0.26
C LEU A 132 16.80 -0.73 0.80
N VAL A 133 15.68 -1.43 1.03
CA VAL A 133 15.68 -2.79 1.54
C VAL A 133 14.97 -3.69 0.53
N LYS A 134 15.73 -4.60 -0.09
CA LYS A 134 15.16 -5.45 -1.14
C LYS A 134 15.42 -6.95 -0.93
N GLY A 135 14.78 -7.77 -1.77
CA GLY A 135 14.98 -9.21 -1.76
C GLY A 135 14.72 -9.87 -0.41
N PHE A 136 13.66 -9.45 0.27
CA PHE A 136 13.25 -10.13 1.48
C PHE A 136 11.92 -10.86 1.29
N TYR A 137 11.80 -12.00 1.99
CA TYR A 137 10.57 -12.77 2.10
C TYR A 137 10.55 -13.38 3.50
N PRO A 138 9.38 -13.47 4.13
CA PRO A 138 8.10 -12.87 3.73
C PRO A 138 8.08 -11.38 4.07
N SER A 139 6.98 -10.69 3.80
CA SER A 139 6.98 -9.22 3.83
C SER A 139 7.11 -8.58 5.21
N ASP A 140 6.73 -9.31 6.27
CA ASP A 140 6.86 -8.82 7.64
C ASP A 140 8.27 -8.26 7.88
N ILE A 141 8.35 -7.03 8.40
CA ILE A 141 9.62 -6.34 8.55
C ILE A 141 9.45 -4.98 9.25
N ALA A 142 10.56 -4.42 9.72
CA ALA A 142 10.52 -3.15 10.43
C ALA A 142 11.82 -2.42 10.21
N VAL A 143 11.67 -1.12 9.98
CA VAL A 143 12.75 -0.24 9.64
C VAL A 143 12.65 0.97 10.55
N GLU A 144 13.74 1.29 11.20
CA GLU A 144 13.82 2.49 12.02
C GLU A 144 15.08 3.23 11.65
N TRP A 145 15.08 4.53 11.93
CA TRP A 145 16.24 5.38 11.70
C TRP A 145 16.72 6.00 13.00
N GLU A 146 18.04 6.05 13.18
CA GLU A 146 18.60 6.75 14.33
C GLU A 146 19.87 7.52 13.93
N SER A 147 20.33 8.37 14.84
CA SER A 147 21.61 9.07 14.69
C SER A 147 22.23 9.09 16.07
N ASN A 148 23.49 8.66 16.17
CA ASN A 148 24.19 8.67 17.45
C ASN A 148 23.35 8.11 18.59
N GLY A 149 22.98 6.82 18.48
CA GLY A 149 22.22 6.14 19.51
C GLY A 149 20.77 6.54 19.66
N GLN A 150 20.46 7.79 19.34
CA GLN A 150 19.11 8.31 19.53
C GLN A 150 18.28 8.23 18.26
N PRO A 151 16.98 7.88 18.41
CA PRO A 151 16.06 7.71 17.28
C PRO A 151 15.88 9.00 16.45
N GLU A 152 15.25 8.87 15.29
CA GLU A 152 14.97 10.04 14.45
C GLU A 152 13.45 10.23 14.27
N ASN A 153 12.98 11.48 14.19
CA ASN A 153 11.54 11.70 14.08
C ASN A 153 11.04 11.58 12.65
N ASN A 154 11.59 12.43 11.79
CA ASN A 154 10.97 12.72 10.51
C ASN A 154 11.27 11.71 9.39
N TYR A 155 10.82 10.48 9.60
CA TYR A 155 10.87 9.50 8.53
C TYR A 155 9.52 8.81 8.23
N LYS A 156 9.42 8.30 7.01
CA LYS A 156 8.24 7.59 6.55
C LYS A 156 8.78 6.44 5.75
N THR A 157 8.07 5.33 5.79
CA THR A 157 8.50 4.13 5.06
C THR A 157 7.38 3.67 4.16
N THR A 158 7.71 3.33 2.92
CA THR A 158 6.69 2.81 2.02
C THR A 158 6.34 1.40 2.48
N PRO A 159 5.16 0.93 2.10
CA PRO A 159 4.78 -0.46 2.41
C PRO A 159 5.65 -1.39 1.60
N PRO A 160 5.76 -2.66 2.01
CA PRO A 160 6.44 -3.66 1.16
C PRO A 160 5.80 -3.74 -0.21
N VAL A 161 6.63 -3.91 -1.24
CA VAL A 161 6.09 -4.03 -2.57
C VAL A 161 6.59 -5.31 -3.21
N LEU A 162 5.67 -6.09 -3.75
CA LEU A 162 6.08 -7.32 -4.42
C LEU A 162 6.95 -7.05 -5.67
N ASP A 163 8.22 -7.46 -5.60
CA ASP A 163 9.17 -7.29 -6.71
C ASP A 163 9.00 -8.39 -7.76
N SER A 164 9.73 -8.28 -8.87
CA SER A 164 9.54 -9.16 -10.01
C SER A 164 9.95 -10.62 -9.75
N ASP A 165 10.86 -10.85 -8.79
CA ASP A 165 11.30 -12.21 -8.47
C ASP A 165 10.55 -12.84 -7.31
N GLY A 166 9.36 -12.33 -7.00
CA GLY A 166 8.61 -12.86 -5.86
C GLY A 166 9.14 -12.44 -4.50
N SER A 167 10.20 -11.63 -4.44
CA SER A 167 10.63 -11.05 -3.16
C SER A 167 10.08 -9.64 -2.95
N PHE A 168 10.24 -9.09 -1.76
CA PHE A 168 9.79 -7.73 -1.50
C PHE A 168 10.92 -6.71 -1.41
N PHE A 169 10.58 -5.47 -1.72
CA PHE A 169 11.46 -4.33 -1.44
C PHE A 169 10.64 -3.26 -0.78
N LEU A 170 11.34 -2.37 -0.08
CA LEU A 170 10.73 -1.14 0.35
C LEU A 170 11.77 -0.02 0.36
N TYR A 171 11.32 1.22 0.52
CA TYR A 171 12.25 2.31 0.82
C TYR A 171 11.85 2.97 2.12
N SER A 172 12.86 3.50 2.80
CA SER A 172 12.59 4.38 3.94
C SER A 172 13.20 5.77 3.71
N LYS A 173 12.37 6.80 3.83
CA LYS A 173 12.85 8.17 3.63
C LYS A 173 13.03 8.87 4.96
N LEU A 174 14.27 9.28 5.25
CA LEU A 174 14.54 10.10 6.43
C LEU A 174 14.85 11.52 5.99
N THR A 175 14.22 12.48 6.66
CA THR A 175 14.40 13.89 6.33
C THR A 175 15.13 14.66 7.44
N VAL A 176 16.17 15.40 7.07
CA VAL A 176 16.95 16.20 8.01
C VAL A 176 17.30 17.57 7.45
N ASP A 177 17.53 18.53 8.34
CA ASP A 177 18.01 19.85 7.91
C ASP A 177 19.35 19.67 7.22
N LYS A 178 19.50 20.27 6.04
CA LYS A 178 20.71 20.13 5.23
C LYS A 178 21.94 20.31 6.10
N SER A 179 21.87 21.32 6.98
CA SER A 179 22.97 21.63 7.88
C SER A 179 23.45 20.39 8.62
N ARG A 180 22.53 19.50 9.00
CA ARG A 180 22.88 18.30 9.76
C ARG A 180 23.66 17.29 8.93
N TRP A 181 23.22 17.06 7.71
CA TRP A 181 23.89 16.14 6.79
C TRP A 181 25.24 16.70 6.38
N GLN A 182 25.28 18.03 6.26
CA GLN A 182 26.50 18.74 5.89
C GLN A 182 27.58 18.58 6.94
N GLN A 183 27.26 18.84 8.21
CA GLN A 183 28.23 18.75 9.33
C GLN A 183 28.99 17.44 9.36
N GLY A 184 28.49 16.45 8.63
CA GLY A 184 29.13 15.15 8.56
C GLY A 184 28.47 14.18 9.51
N ASN A 185 27.32 14.57 10.05
CA ASN A 185 26.56 13.72 10.96
C ASN A 185 26.32 12.33 10.38
N VAL A 186 26.36 11.33 11.26
CA VAL A 186 26.06 9.96 10.86
C VAL A 186 24.63 9.55 11.23
N PHE A 187 23.98 8.87 10.29
CA PHE A 187 22.62 8.41 10.49
C PHE A 187 22.62 6.94 10.21
N SER A 188 21.63 6.22 10.73
CA SER A 188 21.63 4.77 10.61
C SER A 188 20.26 4.17 10.30
N CYS A 189 20.21 3.43 9.21
CA CYS A 189 19.02 2.67 8.87
C CYS A 189 19.06 1.31 9.58
N SER A 190 18.11 1.08 10.48
CA SER A 190 18.03 -0.20 11.18
C SER A 190 16.90 -0.96 10.58
N VAL A 191 17.12 -2.26 10.46
CA VAL A 191 16.13 -3.14 9.89
C VAL A 191 16.02 -4.42 10.71
N MET A 192 14.77 -4.83 10.95
CA MET A 192 14.51 -6.09 11.63
C MET A 192 13.75 -7.07 10.74
N HIS A 193 14.33 -8.25 10.49
CA HIS A 193 13.69 -9.28 9.65
C HIS A 193 14.13 -10.68 10.10
N GLU A 194 13.32 -11.71 9.81
CA GLU A 194 13.61 -13.05 10.32
C GLU A 194 14.84 -13.69 9.68
N ALA A 195 15.11 -13.36 8.43
CA ALA A 195 16.23 -13.98 7.73
C ALA A 195 17.52 -13.24 8.05
N LEU A 196 17.50 -12.41 9.07
CA LEU A 196 18.71 -11.72 9.47
C LEU A 196 19.36 -12.37 10.70
N HIS A 197 20.69 -12.36 10.72
CA HIS A 197 21.44 -12.72 11.91
C HIS A 197 20.99 -11.86 13.09
N ASN A 198 20.70 -12.51 14.21
CA ASN A 198 20.13 -11.86 15.39
C ASN A 198 18.86 -11.06 15.05
N HIS A 199 18.24 -11.36 13.91
CA HIS A 199 17.06 -10.64 13.42
C HIS A 199 17.30 -9.14 13.21
N TYR A 200 18.56 -8.72 13.15
CA TYR A 200 18.87 -7.30 13.15
C TYR A 200 20.12 -6.94 12.35
N THR A 201 19.97 -5.98 11.45
CA THR A 201 21.14 -5.41 10.78
C THR A 201 21.01 -3.88 10.79
N GLN A 202 22.09 -3.18 10.47
CA GLN A 202 22.04 -1.72 10.41
C GLN A 202 23.12 -1.16 9.49
N LYS A 203 22.81 -0.02 8.84
CA LYS A 203 23.73 0.58 7.87
C LYS A 203 23.84 2.07 8.06
N SER A 204 25.06 2.53 8.33
CA SER A 204 25.29 3.96 8.49
C SER A 204 25.21 4.73 7.15
N LEU A 205 25.19 6.06 7.21
CA LEU A 205 24.97 6.91 6.05
C LEU A 205 25.52 8.33 6.29
N SER A 206 26.70 8.59 5.73
CA SER A 206 27.37 9.87 6.00
C SER A 206 27.93 10.52 4.73
N LEU A 207 28.20 11.82 4.82
CA LEU A 207 28.87 12.53 3.75
C LEU A 207 30.37 12.25 3.77
N SER A 208 31.06 12.54 2.67
CA SER A 208 32.50 12.37 2.64
C SER A 208 33.25 13.52 3.31
N GLY B 1 -28.24 -8.35 0.54
CA GLY B 1 -28.23 -7.45 -0.61
C GLY B 1 -26.88 -7.34 -1.31
N PRO B 2 -26.80 -6.45 -2.31
CA PRO B 2 -25.58 -6.22 -3.10
C PRO B 2 -24.75 -5.02 -2.62
N SER B 3 -23.44 -5.07 -2.88
CA SER B 3 -22.53 -3.98 -2.54
C SER B 3 -22.08 -3.27 -3.81
N VAL B 4 -21.57 -2.05 -3.67
CA VAL B 4 -21.10 -1.30 -4.84
C VAL B 4 -19.70 -0.72 -4.61
N PHE B 5 -18.91 -0.62 -5.68
CA PHE B 5 -17.57 -0.02 -5.63
C PHE B 5 -17.33 0.90 -6.83
N LEU B 6 -17.12 2.18 -6.54
CA LEU B 6 -16.88 3.17 -7.58
C LEU B 6 -15.36 3.37 -7.73
N PHE B 7 -14.91 3.60 -8.96
CA PHE B 7 -13.47 3.72 -9.21
C PHE B 7 -13.15 4.93 -10.05
N PRO B 8 -12.07 5.63 -9.71
CA PRO B 8 -11.64 6.82 -10.45
C PRO B 8 -11.00 6.38 -11.76
N PRO B 9 -10.68 7.33 -12.66
CA PRO B 9 -9.94 6.91 -13.86
C PRO B 9 -8.48 6.67 -13.54
N LYS B 10 -7.72 6.21 -14.53
CA LYS B 10 -6.30 6.04 -14.33
C LYS B 10 -5.64 7.41 -14.50
N PRO B 11 -4.63 7.71 -13.68
CA PRO B 11 -3.88 8.97 -13.77
C PRO B 11 -3.42 9.37 -15.17
N LYS B 12 -2.73 8.49 -15.88
CA LYS B 12 -2.22 8.83 -17.20
C LYS B 12 -3.37 9.19 -18.18
N ASP B 13 -4.53 8.55 -17.98
CA ASP B 13 -5.68 8.80 -18.84
C ASP B 13 -6.28 10.21 -18.68
N THR B 14 -5.95 10.88 -17.59
CA THR B 14 -6.45 12.23 -17.36
C THR B 14 -5.34 13.25 -17.53
N LEU B 15 -4.14 12.77 -17.82
CA LEU B 15 -3.01 13.67 -17.87
C LEU B 15 -2.48 13.84 -19.27
N MET B 16 -2.47 12.75 -20.03
CA MET B 16 -1.96 12.76 -21.40
C MET B 16 -3.06 13.01 -22.41
N ALA B 17 -2.72 13.88 -23.37
CA ALA B 17 -3.64 14.37 -24.41
C ALA B 17 -4.76 13.43 -24.89
N SER B 18 -4.44 12.52 -25.82
CA SER B 18 -5.50 11.83 -26.56
C SER B 18 -6.02 10.56 -25.91
N ARG B 19 -5.96 10.47 -24.59
CA ARG B 19 -6.36 9.24 -23.94
C ARG B 19 -7.84 9.28 -23.57
N THR B 20 -8.40 8.13 -23.18
CA THR B 20 -9.81 8.07 -22.86
C THR B 20 -10.05 7.64 -21.42
N PRO B 21 -10.11 8.63 -20.49
CA PRO B 21 -10.36 8.34 -19.07
C PRO B 21 -11.78 7.84 -18.82
N GLU B 22 -11.92 6.89 -17.92
CA GLU B 22 -13.25 6.42 -17.54
C GLU B 22 -13.34 6.15 -16.03
N VAL B 23 -14.46 6.59 -15.45
CA VAL B 23 -14.84 6.14 -14.14
C VAL B 23 -15.64 4.87 -14.33
N THR B 24 -15.74 4.04 -13.29
CA THR B 24 -16.33 2.73 -13.44
C THR B 24 -17.15 2.33 -12.23
N CYS B 25 -18.44 2.04 -12.45
CA CYS B 25 -19.29 1.54 -11.37
C CYS B 25 -19.37 0.02 -11.41
N VAL B 26 -18.90 -0.62 -10.35
CA VAL B 26 -18.90 -2.08 -10.30
C VAL B 26 -19.83 -2.62 -9.21
N VAL B 27 -20.93 -3.25 -9.63
CA VAL B 27 -21.88 -3.86 -8.71
C VAL B 27 -21.52 -5.33 -8.49
N VAL B 28 -21.49 -5.78 -7.23
CA VAL B 28 -21.16 -7.17 -6.93
C VAL B 28 -22.20 -7.83 -6.03
N ASP B 29 -22.12 -9.17 -5.94
CA ASP B 29 -23.11 -9.97 -5.22
C ASP B 29 -24.52 -9.81 -5.80
N VAL B 30 -24.66 -9.84 -7.12
CA VAL B 30 -25.96 -9.71 -7.76
C VAL B 30 -26.67 -11.07 -7.88
N SER B 31 -28.00 -11.05 -7.77
CA SER B 31 -28.77 -12.29 -7.69
C SER B 31 -29.33 -12.73 -9.03
N HIS B 32 -30.49 -13.38 -8.97
CA HIS B 32 -31.08 -14.00 -10.15
C HIS B 32 -32.59 -13.82 -10.20
N GLU B 33 -33.21 -13.67 -9.02
CA GLU B 33 -34.65 -13.45 -8.94
C GLU B 33 -35.04 -12.02 -9.33
N ASP B 34 -34.13 -11.08 -9.11
CA ASP B 34 -34.33 -9.70 -9.53
C ASP B 34 -33.03 -9.10 -10.06
N PRO B 35 -32.51 -9.67 -11.17
CA PRO B 35 -31.15 -9.40 -11.65
C PRO B 35 -31.07 -8.25 -12.65
N GLU B 36 -32.19 -7.62 -12.97
CA GLU B 36 -32.18 -6.45 -13.85
C GLU B 36 -31.53 -5.28 -13.09
N VAL B 37 -30.40 -4.79 -13.59
CA VAL B 37 -29.72 -3.66 -12.95
C VAL B 37 -29.69 -2.40 -13.82
N LYS B 38 -30.20 -1.30 -13.27
CA LYS B 38 -30.31 -0.03 -13.97
C LYS B 38 -29.34 1.01 -13.40
N PHE B 39 -28.77 1.81 -14.29
CA PHE B 39 -27.79 2.83 -13.92
C PHE B 39 -28.30 4.21 -14.36
N ASN B 40 -28.14 5.20 -13.49
CA ASN B 40 -28.56 6.56 -13.81
C ASN B 40 -27.47 7.56 -13.45
N TRP B 41 -26.44 7.63 -14.28
CA TRP B 41 -25.27 8.46 -14.00
C TRP B 41 -25.59 9.95 -13.91
N TYR B 42 -25.13 10.59 -12.83
CA TYR B 42 -25.22 12.03 -12.67
C TYR B 42 -23.82 12.62 -12.60
N VAL B 43 -23.61 13.78 -13.22
CA VAL B 43 -22.32 14.46 -13.15
C VAL B 43 -22.47 15.83 -12.51
N ASP B 44 -21.89 16.00 -11.32
CA ASP B 44 -22.04 17.23 -10.55
C ASP B 44 -23.50 17.61 -10.38
N GLY B 45 -24.36 16.60 -10.28
CA GLY B 45 -25.78 16.83 -10.12
C GLY B 45 -26.52 16.82 -11.43
N VAL B 46 -26.08 17.63 -12.38
CA VAL B 46 -26.74 17.67 -13.69
C VAL B 46 -26.46 16.39 -14.48
N GLU B 47 -27.53 15.63 -14.73
CA GLU B 47 -27.47 14.27 -15.28
C GLU B 47 -26.70 14.13 -16.59
N VAL B 48 -26.15 12.94 -16.82
CA VAL B 48 -25.45 12.61 -18.06
C VAL B 48 -26.02 11.33 -18.68
N HIS B 49 -26.28 11.37 -19.97
CA HIS B 49 -26.79 10.21 -20.71
C HIS B 49 -25.78 9.82 -21.78
N ASN B 50 -24.51 10.13 -21.54
CA ASN B 50 -23.40 9.76 -22.43
C ASN B 50 -22.69 8.54 -21.87
N ALA B 51 -23.45 7.73 -21.14
CA ALA B 51 -22.90 6.65 -20.36
C ALA B 51 -22.97 5.34 -21.10
N LYS B 52 -22.41 4.30 -20.50
CA LYS B 52 -22.42 2.99 -21.11
C LYS B 52 -22.32 1.89 -20.05
N THR B 53 -23.28 0.98 -20.06
CA THR B 53 -23.30 -0.11 -19.10
C THR B 53 -22.92 -1.41 -19.79
N LYS B 54 -21.64 -1.53 -20.15
CA LYS B 54 -21.12 -2.67 -20.92
C LYS B 54 -21.53 -4.04 -20.35
N PRO B 55 -21.95 -4.98 -21.22
CA PRO B 55 -22.66 -6.24 -20.95
C PRO B 55 -22.39 -7.02 -19.64
N ARG B 56 -23.32 -7.91 -19.32
CA ARG B 56 -23.34 -8.65 -18.04
C ARG B 56 -22.38 -9.85 -17.96
N GLU B 57 -21.49 -9.82 -16.96
CA GLU B 57 -20.53 -10.90 -16.73
C GLU B 57 -20.86 -11.72 -15.49
N GLU B 58 -20.65 -13.03 -15.59
CA GLU B 58 -20.93 -13.95 -14.49
C GLU B 58 -19.85 -13.86 -13.40
N GLN B 59 -19.77 -14.89 -12.55
CA GLN B 59 -18.78 -14.91 -11.48
C GLN B 59 -18.57 -16.31 -10.89
N TYR B 60 -17.43 -16.49 -10.24
CA TYR B 60 -17.06 -17.76 -9.62
C TYR B 60 -18.03 -18.21 -8.52
N ASN B 61 -17.84 -17.68 -7.31
CA ASN B 61 -18.59 -18.12 -6.12
C ASN B 61 -20.11 -18.02 -6.22
N SER B 62 -20.67 -18.42 -7.36
CA SER B 62 -22.12 -18.39 -7.62
C SER B 62 -22.74 -16.99 -7.57
N THR B 63 -21.96 -16.00 -7.13
CA THR B 63 -22.40 -14.62 -7.07
C THR B 63 -22.33 -14.01 -8.46
N TYR B 64 -22.57 -12.71 -8.57
CA TYR B 64 -22.52 -12.03 -9.87
C TYR B 64 -21.67 -10.76 -9.88
N ARG B 65 -21.50 -10.17 -11.06
CA ARG B 65 -20.67 -8.98 -11.22
C ARG B 65 -21.04 -8.12 -12.43
N VAL B 66 -21.72 -7.00 -12.15
CA VAL B 66 -22.23 -6.07 -13.17
C VAL B 66 -21.50 -4.72 -13.21
N VAL B 67 -20.82 -4.45 -14.32
CA VAL B 67 -19.93 -3.30 -14.42
C VAL B 67 -20.34 -2.29 -15.50
N SER B 68 -20.72 -1.08 -15.08
CA SER B 68 -20.91 -0.01 -16.06
C SER B 68 -19.66 0.87 -16.16
N VAL B 69 -19.57 1.63 -17.24
CA VAL B 69 -18.40 2.46 -17.50
C VAL B 69 -18.80 3.77 -18.17
N LEU B 70 -18.64 4.88 -17.45
CA LEU B 70 -18.85 6.17 -18.07
C LEU B 70 -17.54 6.72 -18.58
N THR B 71 -17.46 6.93 -19.89
CA THR B 71 -16.35 7.67 -20.46
C THR B 71 -16.48 9.11 -19.95
N VAL B 72 -15.36 9.74 -19.61
CA VAL B 72 -15.42 11.08 -19.02
C VAL B 72 -14.38 12.04 -19.60
N LEU B 73 -14.74 13.31 -19.68
CA LEU B 73 -13.81 14.34 -20.13
C LEU B 73 -12.69 14.50 -19.13
N ALA B 74 -11.46 14.41 -19.62
CA ALA B 74 -10.28 14.43 -18.75
C ALA B 74 -10.19 15.73 -17.95
N GLN B 75 -10.29 16.86 -18.63
CA GLN B 75 -10.18 18.14 -17.93
C GLN B 75 -11.28 18.30 -16.89
N ASP B 76 -12.46 17.78 -17.18
CA ASP B 76 -13.56 17.79 -16.22
C ASP B 76 -13.14 17.19 -14.87
N TRP B 77 -12.50 16.03 -14.92
CA TRP B 77 -12.04 15.35 -13.72
C TRP B 77 -11.09 16.25 -12.93
N LEU B 78 -10.15 16.87 -13.64
CA LEU B 78 -9.13 17.70 -13.02
C LEU B 78 -9.71 18.95 -12.40
N ASN B 79 -10.83 19.43 -12.93
CA ASN B 79 -11.48 20.61 -12.39
C ASN B 79 -12.06 20.32 -11.02
N GLY B 80 -12.53 19.09 -10.82
CA GLY B 80 -12.95 18.64 -9.50
C GLY B 80 -14.39 18.16 -9.46
N LYS B 81 -14.96 17.88 -10.63
CA LYS B 81 -16.37 17.52 -10.72
C LYS B 81 -16.68 16.20 -10.01
N GLU B 82 -17.84 16.17 -9.36
CA GLU B 82 -18.32 14.96 -8.68
C GLU B 82 -19.02 14.03 -9.67
N TYR B 83 -18.65 12.75 -9.64
CA TYR B 83 -19.26 11.76 -10.51
C TYR B 83 -20.11 10.77 -9.72
N LYS B 84 -21.43 10.82 -9.94
CA LYS B 84 -22.38 10.00 -9.18
C LYS B 84 -22.94 8.82 -9.97
N CYS B 85 -22.65 7.61 -9.49
CA CYS B 85 -23.21 6.38 -10.05
C CYS B 85 -24.47 6.01 -9.25
N LYS B 86 -25.57 5.75 -9.95
CA LYS B 86 -26.85 5.49 -9.31
C LYS B 86 -27.45 4.13 -9.71
N VAL B 87 -27.39 3.17 -8.79
CA VAL B 87 -27.79 1.80 -9.08
C VAL B 87 -29.25 1.55 -8.68
N SER B 88 -29.94 0.71 -9.46
CA SER B 88 -31.33 0.36 -9.17
C SER B 88 -31.58 -1.15 -9.28
N ASN B 89 -31.40 -1.87 -8.19
CA ASN B 89 -31.78 -3.29 -8.13
C ASN B 89 -33.09 -3.46 -7.35
N LYS B 90 -33.79 -4.55 -7.59
CA LYS B 90 -35.04 -4.82 -6.89
C LYS B 90 -34.83 -5.51 -5.54
N ALA B 91 -33.71 -6.22 -5.40
CA ALA B 91 -33.33 -6.79 -4.11
C ALA B 91 -32.82 -5.68 -3.18
N LEU B 92 -32.84 -4.45 -3.71
CA LEU B 92 -32.57 -3.26 -2.93
C LEU B 92 -33.86 -2.77 -2.32
N PRO B 93 -33.77 -2.27 -1.08
CA PRO B 93 -34.89 -1.52 -0.49
C PRO B 93 -34.85 -0.09 -1.01
N ALA B 94 -33.70 0.31 -1.54
CA ALA B 94 -33.50 1.64 -2.09
C ALA B 94 -32.31 1.62 -3.05
N PRO B 95 -32.36 2.46 -4.10
CA PRO B 95 -31.23 2.60 -5.02
C PRO B 95 -29.99 3.13 -4.28
N ILE B 96 -28.81 2.98 -4.87
CA ILE B 96 -27.57 3.48 -4.26
C ILE B 96 -27.04 4.70 -5.03
N GLU B 97 -26.45 5.66 -4.32
CA GLU B 97 -25.83 6.83 -4.94
C GLU B 97 -24.38 7.03 -4.49
N LYS B 98 -23.50 6.08 -4.79
CA LYS B 98 -22.08 6.24 -4.46
C LYS B 98 -21.43 7.34 -5.30
N THR B 99 -20.62 8.17 -4.65
CA THR B 99 -20.01 9.34 -5.29
C THR B 99 -18.48 9.22 -5.32
N ILE B 100 -17.85 9.75 -6.38
CA ILE B 100 -16.39 9.85 -6.41
C ILE B 100 -15.91 11.11 -7.13
N SER B 101 -14.78 11.64 -6.67
CA SER B 101 -14.18 12.82 -7.27
C SER B 101 -12.69 12.83 -7.06
N LYS B 102 -12.01 13.77 -7.72
CA LYS B 102 -10.59 13.97 -7.51
C LYS B 102 -10.40 14.51 -6.10
N ALA B 103 -9.21 14.32 -5.56
CA ALA B 103 -8.89 14.84 -4.23
C ALA B 103 -8.87 16.36 -4.29
N LYS B 104 -9.61 16.96 -3.35
CA LYS B 104 -9.65 18.40 -3.19
C LYS B 104 -8.35 18.90 -2.53
N GLY B 105 -8.04 20.17 -2.73
CA GLY B 105 -6.81 20.71 -2.21
C GLY B 105 -6.01 21.35 -3.31
N GLN B 106 -4.92 22.00 -2.94
CA GLN B 106 -4.08 22.70 -3.92
C GLN B 106 -3.05 21.76 -4.51
N PRO B 107 -3.19 21.44 -5.80
CA PRO B 107 -2.20 20.60 -6.48
C PRO B 107 -0.79 21.09 -6.23
N ARG B 108 0.13 20.18 -5.90
CA ARG B 108 1.51 20.56 -5.64
C ARG B 108 2.45 19.83 -6.59
N GLU B 109 3.52 20.53 -7.00
CA GLU B 109 4.50 19.99 -7.95
C GLU B 109 5.44 18.94 -7.32
N PRO B 110 5.57 17.79 -7.98
CA PRO B 110 6.49 16.78 -7.46
C PRO B 110 7.95 17.15 -7.66
N GLN B 111 8.81 16.76 -6.72
CA GLN B 111 10.25 16.92 -6.94
C GLN B 111 10.81 15.56 -7.37
N VAL B 112 11.75 15.58 -8.30
CA VAL B 112 12.20 14.36 -8.91
C VAL B 112 13.71 14.28 -8.90
N TYR B 113 14.20 13.24 -8.21
CA TYR B 113 15.61 13.05 -7.94
C TYR B 113 15.91 11.62 -8.24
N THR B 114 16.91 11.43 -9.07
CA THR B 114 17.30 10.09 -9.38
C THR B 114 18.48 9.80 -8.48
N LEU B 115 18.70 8.52 -8.20
CA LEU B 115 19.69 8.10 -7.23
C LEU B 115 20.39 6.87 -7.75
N PRO B 116 21.72 6.95 -7.88
CA PRO B 116 22.53 5.83 -8.36
C PRO B 116 22.57 4.72 -7.32
N PRO B 117 22.90 3.48 -7.73
CA PRO B 117 22.94 2.34 -6.79
C PRO B 117 23.93 2.61 -5.69
N SER B 118 23.78 1.97 -4.53
CA SER B 118 24.78 2.08 -3.49
C SER B 118 26.05 1.36 -3.94
N ARG B 119 27.21 1.96 -3.69
CA ARG B 119 28.52 1.34 -3.95
C ARG B 119 28.56 -0.13 -3.50
N ASP B 120 27.92 -0.41 -2.37
CA ASP B 120 27.82 -1.75 -1.84
C ASP B 120 27.13 -2.71 -2.82
N GLU B 121 26.25 -2.17 -3.65
CA GLU B 121 25.48 -3.04 -4.54
C GLU B 121 26.23 -3.31 -5.85
N LEU B 122 27.33 -2.61 -6.07
CA LEU B 122 28.14 -2.81 -7.29
C LEU B 122 28.84 -4.16 -7.26
N THR B 123 28.79 -4.80 -6.10
CA THR B 123 29.31 -6.15 -5.92
C THR B 123 28.21 -7.18 -6.19
N LYS B 124 27.16 -6.76 -6.89
CA LYS B 124 26.08 -7.64 -7.33
C LYS B 124 26.06 -7.74 -8.86
N ASN B 125 25.31 -8.70 -9.38
CA ASN B 125 25.16 -8.87 -10.82
C ASN B 125 24.29 -7.80 -11.48
N GLN B 126 23.12 -7.56 -10.88
CA GLN B 126 22.24 -6.47 -11.31
C GLN B 126 22.28 -5.35 -10.27
N VAL B 127 22.00 -4.12 -10.71
CA VAL B 127 21.94 -2.98 -9.79
C VAL B 127 20.59 -2.27 -9.78
N SER B 128 20.35 -1.51 -8.72
CA SER B 128 19.08 -0.82 -8.57
C SER B 128 19.28 0.66 -8.84
N LEU B 129 18.52 1.20 -9.78
CA LEU B 129 18.46 2.64 -10.04
C LEU B 129 17.20 3.23 -9.37
N THR B 130 17.37 4.32 -8.66
CA THR B 130 16.29 4.79 -7.79
C THR B 130 15.71 6.16 -8.16
N CYS B 131 14.40 6.23 -8.29
CA CYS B 131 13.76 7.50 -8.59
C CYS B 131 12.92 7.95 -7.40
N LEU B 132 13.37 8.99 -6.71
CA LEU B 132 12.57 9.56 -5.62
C LEU B 132 11.72 10.72 -6.18
N VAL B 133 10.42 10.59 -5.99
CA VAL B 133 9.46 11.59 -6.42
C VAL B 133 8.70 11.99 -5.18
N LYS B 134 8.83 13.25 -4.75
CA LYS B 134 8.20 13.72 -3.50
C LYS B 134 7.52 15.08 -3.56
N GLY B 135 6.69 15.33 -2.54
CA GLY B 135 6.08 16.63 -2.35
C GLY B 135 4.92 16.89 -3.29
N PHE B 136 4.39 15.83 -3.89
CA PHE B 136 3.27 16.04 -4.81
C PHE B 136 1.92 15.94 -4.13
N TYR B 137 0.92 16.55 -4.76
CA TYR B 137 -0.45 16.50 -4.28
C TYR B 137 -1.25 16.85 -5.49
N PRO B 138 -2.37 16.15 -5.73
CA PRO B 138 -2.85 14.96 -5.02
C PRO B 138 -2.03 13.73 -5.37
N SER B 139 -2.44 12.56 -4.88
CA SER B 139 -1.64 11.33 -5.00
C SER B 139 -1.63 10.74 -6.42
N ASP B 140 -2.63 11.08 -7.23
CA ASP B 140 -2.71 10.63 -8.61
C ASP B 140 -1.43 10.98 -9.38
N ILE B 141 -0.81 9.97 -9.98
CA ILE B 141 0.52 10.15 -10.59
C ILE B 141 0.91 8.91 -11.44
N ALA B 142 1.85 9.09 -12.37
CA ALA B 142 2.30 8.01 -13.24
C ALA B 142 3.80 8.08 -13.35
N VAL B 143 4.48 6.93 -13.29
CA VAL B 143 5.93 6.95 -13.33
C VAL B 143 6.42 5.88 -14.29
N GLU B 144 7.41 6.23 -15.11
CA GLU B 144 7.90 5.32 -16.14
C GLU B 144 9.39 5.49 -16.33
N TRP B 145 10.04 4.40 -16.74
CA TRP B 145 11.47 4.39 -16.92
C TRP B 145 11.79 4.03 -18.34
N GLU B 146 12.90 4.56 -18.85
CA GLU B 146 13.25 4.33 -20.24
C GLU B 146 14.72 4.61 -20.49
N SER B 147 15.16 4.25 -21.69
CA SER B 147 16.53 4.46 -22.11
C SER B 147 16.57 4.42 -23.64
N ASN B 148 17.16 5.45 -24.24
CA ASN B 148 17.22 5.57 -25.69
C ASN B 148 15.87 5.46 -26.41
N GLY B 149 14.86 6.14 -25.88
CA GLY B 149 13.56 6.15 -26.53
C GLY B 149 12.71 4.92 -26.29
N GLN B 150 13.36 3.81 -25.95
CA GLN B 150 12.66 2.57 -25.56
C GLN B 150 12.39 2.60 -24.06
N PRO B 151 11.24 2.05 -23.63
CA PRO B 151 10.94 1.88 -22.20
C PRO B 151 11.77 0.75 -21.56
N GLU B 152 11.76 0.69 -20.24
CA GLU B 152 12.41 -0.41 -19.54
C GLU B 152 11.37 -1.39 -18.99
N ASN B 153 11.73 -2.66 -18.86
CA ASN B 153 10.76 -3.60 -18.35
C ASN B 153 10.88 -3.66 -16.83
N ASN B 154 12.03 -4.15 -16.42
CA ASN B 154 12.28 -4.52 -15.06
C ASN B 154 12.27 -3.35 -14.06
N TYR B 155 11.08 -2.78 -13.82
CA TYR B 155 10.90 -1.79 -12.76
C TYR B 155 9.58 -1.98 -11.97
N LYS B 156 9.57 -1.42 -10.76
CA LYS B 156 8.41 -1.49 -9.87
C LYS B 156 8.38 -0.17 -9.14
N THR B 157 7.19 0.24 -8.71
CA THR B 157 7.00 1.55 -8.07
C THR B 157 6.15 1.40 -6.84
N THR B 158 6.58 2.00 -5.74
CA THR B 158 5.79 1.94 -4.53
C THR B 158 4.57 2.83 -4.75
N PRO B 159 3.48 2.56 -4.02
CA PRO B 159 2.29 3.43 -4.01
C PRO B 159 2.68 4.74 -3.35
N PRO B 160 1.91 5.82 -3.58
CA PRO B 160 2.15 7.14 -2.96
C PRO B 160 2.04 7.03 -1.46
N VAL B 161 2.98 7.64 -0.75
CA VAL B 161 2.87 7.60 0.69
C VAL B 161 2.66 9.01 1.26
N LEU B 162 1.73 9.13 2.21
CA LEU B 162 1.51 10.39 2.90
C LEU B 162 2.74 10.77 3.70
N ASP B 163 3.25 11.97 3.46
CA ASP B 163 4.44 12.45 4.15
C ASP B 163 4.07 13.39 5.33
N SER B 164 5.04 13.74 6.16
CA SER B 164 4.74 14.50 7.38
C SER B 164 4.01 15.81 7.08
N ASP B 165 4.25 16.41 5.91
CA ASP B 165 3.67 17.72 5.58
C ASP B 165 2.34 17.75 4.79
N GLY B 166 1.64 16.62 4.66
CA GLY B 166 0.42 16.58 3.86
C GLY B 166 0.67 16.25 2.38
N SER B 167 1.94 16.09 2.00
CA SER B 167 2.26 15.74 0.62
C SER B 167 2.52 14.22 0.43
N PHE B 168 2.61 13.78 -0.81
CA PHE B 168 2.91 12.38 -1.09
C PHE B 168 4.30 12.28 -1.64
N PHE B 169 4.89 11.11 -1.43
CA PHE B 169 6.12 10.71 -2.10
C PHE B 169 5.99 9.23 -2.47
N LEU B 170 6.89 8.79 -3.32
CA LEU B 170 7.00 7.39 -3.73
C LEU B 170 8.41 7.21 -4.22
N TYR B 171 8.76 5.95 -4.46
CA TYR B 171 10.03 5.64 -5.10
C TYR B 171 9.71 4.73 -6.26
N SER B 172 10.61 4.68 -7.21
CA SER B 172 10.50 3.68 -8.26
C SER B 172 11.86 3.07 -8.41
N LYS B 173 11.90 1.74 -8.45
CA LYS B 173 13.16 1.07 -8.56
C LYS B 173 13.26 0.47 -9.96
N LEU B 174 14.29 0.86 -10.71
CA LEU B 174 14.57 0.21 -12.01
C LEU B 174 15.74 -0.70 -11.80
N THR B 175 15.66 -1.91 -12.34
CA THR B 175 16.71 -2.89 -12.15
C THR B 175 17.33 -3.22 -13.51
N VAL B 176 18.65 -3.09 -13.60
CA VAL B 176 19.37 -3.39 -14.85
C VAL B 176 20.59 -4.28 -14.64
N ASP B 177 21.16 -4.82 -15.71
CA ASP B 177 22.42 -5.57 -15.59
C ASP B 177 23.51 -4.57 -15.19
N LYS B 178 24.43 -4.99 -14.33
CA LYS B 178 25.48 -4.08 -13.89
C LYS B 178 26.22 -3.55 -15.11
N SER B 179 26.55 -4.46 -16.02
CA SER B 179 27.27 -4.14 -17.24
C SER B 179 26.69 -2.96 -18.01
N ARG B 180 25.37 -2.79 -18.01
CA ARG B 180 24.74 -1.65 -18.69
C ARG B 180 25.00 -0.33 -17.97
N TRP B 181 25.16 -0.40 -16.64
CA TRP B 181 25.44 0.79 -15.83
C TRP B 181 26.92 1.18 -15.89
N GLN B 182 27.77 0.20 -16.19
CA GLN B 182 29.18 0.46 -16.41
C GLN B 182 29.44 1.12 -17.76
N GLN B 183 28.70 0.72 -18.81
CA GLN B 183 28.83 1.33 -20.14
C GLN B 183 28.59 2.83 -20.04
N GLY B 184 27.83 3.23 -19.03
CA GLY B 184 27.44 4.61 -18.89
C GLY B 184 26.25 4.93 -19.76
N ASN B 185 25.33 3.97 -19.88
CA ASN B 185 24.05 4.26 -20.53
C ASN B 185 23.33 5.34 -19.76
N VAL B 186 22.40 6.00 -20.43
CA VAL B 186 21.56 7.00 -19.80
C VAL B 186 20.19 6.40 -19.50
N PHE B 187 19.68 6.67 -18.30
CA PHE B 187 18.39 6.17 -17.90
C PHE B 187 17.54 7.31 -17.42
N SER B 188 16.23 7.18 -17.58
CA SER B 188 15.36 8.30 -17.31
C SER B 188 14.12 7.91 -16.57
N CYS B 189 13.78 8.72 -15.60
CA CYS B 189 12.56 8.55 -14.85
C CYS B 189 11.61 9.62 -15.36
N SER B 190 10.43 9.19 -15.80
CA SER B 190 9.45 10.11 -16.34
C SER B 190 8.30 10.17 -15.40
N VAL B 191 7.84 11.39 -15.11
CA VAL B 191 6.75 11.55 -14.18
C VAL B 191 5.63 12.40 -14.76
N MET B 192 4.43 11.82 -14.78
CA MET B 192 3.24 12.49 -15.21
C MET B 192 2.38 12.82 -13.98
N HIS B 193 2.04 14.08 -13.85
CA HIS B 193 1.24 14.59 -12.72
C HIS B 193 0.58 15.91 -13.12
N GLU B 194 -0.57 16.21 -12.51
CA GLU B 194 -1.32 17.39 -12.94
C GLU B 194 -0.63 18.72 -12.67
N ALA B 195 0.35 18.74 -11.77
CA ALA B 195 0.94 19.99 -11.33
C ALA B 195 2.21 20.36 -12.08
N LEU B 196 2.56 19.60 -13.10
CA LEU B 196 3.83 19.83 -13.82
C LEU B 196 3.54 20.59 -15.11
N HIS B 197 4.55 21.21 -15.69
CA HIS B 197 4.37 21.88 -16.97
C HIS B 197 4.18 20.80 -18.05
N ASN B 198 3.04 20.85 -18.73
CA ASN B 198 2.60 19.83 -19.67
C ASN B 198 2.37 18.47 -19.00
N HIS B 199 2.08 18.51 -17.70
CA HIS B 199 1.77 17.30 -16.95
C HIS B 199 2.92 16.29 -16.99
N TYR B 200 4.11 16.73 -17.39
CA TYR B 200 5.21 15.81 -17.66
C TYR B 200 6.58 16.39 -17.29
N THR B 201 7.46 15.52 -16.77
CA THR B 201 8.86 15.89 -16.56
C THR B 201 9.70 14.60 -16.61
N GLN B 202 11.00 14.72 -16.81
CA GLN B 202 11.88 13.56 -16.82
C GLN B 202 13.29 13.83 -16.29
N LYS B 203 13.93 12.82 -15.68
CA LYS B 203 15.23 13.01 -15.02
C LYS B 203 16.28 12.00 -15.45
N SER B 204 17.40 12.50 -15.95
CA SER B 204 18.51 11.65 -16.35
C SER B 204 19.17 11.04 -15.13
N LEU B 205 19.96 10.01 -15.36
CA LEU B 205 20.67 9.30 -14.31
C LEU B 205 21.76 8.52 -15.01
N SER B 206 23.00 8.74 -14.62
CA SER B 206 24.10 8.12 -15.33
C SER B 206 25.35 8.02 -14.44
N LEU B 207 26.28 7.15 -14.82
CA LEU B 207 27.49 6.93 -14.02
C LEU B 207 28.41 8.16 -14.03
N SER B 208 29.08 8.37 -12.89
CA SER B 208 30.07 9.44 -12.76
C SER B 208 31.22 9.28 -13.76
#